data_8BGU
#
_entry.id   8BGU
#
_cell.length_a   1.00
_cell.length_b   1.00
_cell.length_c   1.00
_cell.angle_alpha   90.00
_cell.angle_beta   90.00
_cell.angle_gamma   90.00
#
_symmetry.space_group_name_H-M   'P 1'
#
loop_
_entity.id
_entity.type
_entity.pdbx_description
1 polymer 'E3 ubiquitin-protein ligase Mdm2'
2 polymer '5S rRNA'
3 polymer '60S ribosomal protein L5'
4 polymer '60S ribosomal protein L11'
5 non-polymer 'ZINC ION'
#
loop_
_entity_poly.entity_id
_entity_poly.type
_entity_poly.pdbx_seq_one_letter_code
_entity_poly.pdbx_strand_id
1 'polypeptide(L)'
;MCNTNMSVPTDGAVTTSQIPASEQETLVRPKPLLLKLLKSVGAQKDTYTMKEVLFYLGQYIMTKRLYDEKQQHIVYCSND
LLGDLFGVPSFSVKEHRKIYTMIYRNLVVVNQQESSDSGTSVSENRCHLEGGSDQKDLVQELQEEKPSSSHLVSRPSTSS
RRRAISETEENSDELSGERQRKRHKSDSISLSFDESLALCVIREICCERSSSSESTGTPSNPDLDAGVSEHSGDWLDQDS
VSDQFSVEFEVESLDSEDYSLSEEGQELSDEDDEVYQVTVYQAGESDTDSFEEDPEISLADYWKCTSCNEMNPPLPSHCN
RCWALRENWLPEDKGKDKGEISEKAKLENSTQAEEGFDVPDCKKTIVNDSRESCVEENDDKITQASQSQESEDYSQPSTS
SSIIYSSQEDVKEFEREETQDKEESVESSLPLNAIEPCVICQGRPKNGCIVHGKTGHLMACFTCAKKLKKRNKPCPVCRQ
PIQMIVLTYFP
;
F
2 'polyribonucleotide'
;GGUUGCGGCCAUAUCUACCAGAAAGCACCGUUUCCCGUCCGAUCAACUGUAGUUAAGCUGGUAAGAGCCUGACCGAGUAG
UGUAGUGGGUGACCAUACGCGAAACUCAGGUGCUGCAAUCU
;
3
3 'polypeptide(L)'
;MGFVKVVKNKAYFKRYQVKFRRRREGKTDYYARKRLVIQDKNKYNTPKYRMIVRVTNRDIICQIAYARIEGDMIVCAAYA
HELPKYGVKVGLTNYAAAYCTGLLLARRLLNRFGMDKIYEGQVEVTGDEYNVESIDGQPGAFTCYLDAGLARTTTGNKVF
GALKGAVDGGLSIPHSTKRFPGYDSESKEFNAEVHRKHIMGQNVADYMRYLMEEDEDAYKKQFSQYIKNSVTPDMMEEMY
KKAHAAIRENPVYEKKPKKEVKKKRWNRPKMSLAQKKDRVAQKKASFLRAQERAAES
;
A
4 'polypeptide(L)'
;MAQDQGEKENPMRELRIRKLCLNICVGESGDRLTRAAKVLEQLTGQTPVFSKARYTVRSFGIRRNEKIAVHCTVRGAKAE
EILEKGLKVREYELRKNNFSDTGNFGFGIQEHIDLGIKYDPSIGIYGLDFYVVLGRPGFSIADKKRRTGCIGAKHRISKE
EAMRWFQQKYDGIILPGK
;
B
#
loop_
_chem_comp.id
_chem_comp.type
_chem_comp.name
_chem_comp.formula
A RNA linking ADENOSINE-5'-MONOPHOSPHATE 'C10 H14 N5 O7 P'
C RNA linking CYTIDINE-5'-MONOPHOSPHATE 'C9 H14 N3 O8 P'
G RNA linking GUANOSINE-5'-MONOPHOSPHATE 'C10 H14 N5 O8 P'
U RNA linking URIDINE-5'-MONOPHOSPHATE 'C9 H13 N2 O9 P'
ZN non-polymer 'ZINC ION' 'Zn 2'
#
# COMPACT_ATOMS: atom_id res chain seq x y z
N GLU A 293 -11.21 1.01 -15.50
CA GLU A 293 -11.71 0.90 -14.14
C GLU A 293 -10.75 0.10 -13.27
N ASP A 294 -9.95 -0.75 -13.90
CA ASP A 294 -8.97 -1.59 -13.21
C ASP A 294 -7.59 -1.01 -13.47
N PRO A 295 -6.85 -0.56 -12.45
CA PRO A 295 -5.55 0.07 -12.70
C PRO A 295 -4.46 -0.90 -13.10
N GLU A 296 -4.63 -2.21 -12.87
CA GLU A 296 -3.63 -3.20 -13.21
C GLU A 296 -3.87 -3.85 -14.57
N ILE A 297 -4.94 -3.48 -15.27
CA ILE A 297 -5.27 -4.06 -16.56
C ILE A 297 -5.31 -2.96 -17.61
N SER A 298 -5.13 -3.36 -18.86
CA SER A 298 -5.08 -2.43 -19.98
C SER A 298 -6.12 -2.82 -21.03
N LEU A 299 -6.34 -1.91 -21.98
CA LEU A 299 -7.30 -2.17 -23.05
C LEU A 299 -6.76 -3.15 -24.09
N ALA A 300 -5.45 -3.39 -24.10
CA ALA A 300 -4.86 -4.40 -24.96
C ALA A 300 -5.28 -5.81 -24.60
N ASP A 301 -5.62 -6.07 -23.35
CA ASP A 301 -6.12 -7.38 -22.94
C ASP A 301 -7.62 -7.51 -23.09
N TYR A 302 -8.32 -6.46 -23.51
CA TYR A 302 -9.75 -6.54 -23.76
C TYR A 302 -10.03 -7.34 -25.01
N TRP A 303 -11.10 -8.13 -24.97
CA TRP A 303 -11.42 -9.09 -26.02
C TRP A 303 -12.47 -8.52 -26.96
N LYS A 304 -12.10 -8.39 -28.24
CA LYS A 304 -13.00 -7.91 -29.28
C LYS A 304 -13.84 -9.09 -29.77
N CYS A 305 -15.16 -8.90 -29.81
CA CYS A 305 -16.07 -9.97 -30.19
C CYS A 305 -15.97 -10.27 -31.68
N THR A 306 -15.95 -11.55 -32.02
CA THR A 306 -16.04 -11.97 -33.41
C THR A 306 -17.47 -12.11 -33.89
N SER A 307 -18.45 -12.03 -32.99
CA SER A 307 -19.86 -12.14 -33.34
C SER A 307 -20.64 -10.85 -33.14
N CYS A 308 -20.23 -10.02 -32.18
CA CYS A 308 -20.94 -8.77 -31.91
C CYS A 308 -20.08 -7.53 -32.06
N ASN A 309 -18.79 -7.69 -32.40
CA ASN A 309 -17.79 -6.63 -32.63
C ASN A 309 -17.56 -5.72 -31.43
N GLU A 310 -17.92 -6.16 -30.23
CA GLU A 310 -17.71 -5.34 -29.04
C GLU A 310 -16.41 -5.72 -28.35
N MET A 311 -15.60 -4.73 -28.02
CA MET A 311 -14.39 -4.97 -27.25
C MET A 311 -14.77 -5.21 -25.79
N ASN A 312 -14.90 -6.47 -25.40
CA ASN A 312 -15.32 -6.85 -24.07
C ASN A 312 -14.11 -6.98 -23.16
N PRO A 313 -14.28 -6.86 -21.85
CA PRO A 313 -13.15 -6.95 -20.92
C PRO A 313 -12.69 -8.38 -20.72
N PRO A 314 -11.68 -8.60 -19.88
CA PRO A 314 -11.20 -9.98 -19.65
C PRO A 314 -12.20 -10.87 -18.93
N LEU A 315 -13.11 -10.29 -18.13
CA LEU A 315 -14.14 -11.05 -17.46
C LEU A 315 -15.50 -10.47 -17.82
N PRO A 316 -16.53 -11.32 -18.00
CA PRO A 316 -16.53 -12.78 -17.99
C PRO A 316 -16.13 -13.35 -19.34
N SER A 317 -16.45 -14.62 -19.61
CA SER A 317 -16.16 -15.23 -20.90
C SER A 317 -17.32 -15.05 -21.88
N HIS A 318 -18.41 -14.44 -21.45
CA HIS A 318 -19.52 -14.09 -22.33
C HIS A 318 -19.22 -12.75 -23.00
N CYS A 319 -19.87 -12.54 -24.14
CA CYS A 319 -19.70 -11.28 -24.87
C CYS A 319 -20.40 -10.14 -24.13
N ASN A 320 -19.86 -8.93 -24.26
CA ASN A 320 -20.48 -7.77 -23.63
C ASN A 320 -21.79 -7.39 -24.29
N ARG A 321 -21.93 -7.65 -25.59
CA ARG A 321 -23.16 -7.30 -26.31
C ARG A 321 -24.03 -8.53 -26.57
N CYS A 322 -23.42 -9.67 -26.88
CA CYS A 322 -24.15 -10.83 -27.35
C CYS A 322 -24.21 -11.99 -26.36
N TRP A 323 -23.44 -11.92 -25.26
CA TRP A 323 -23.30 -12.94 -24.21
C TRP A 323 -22.81 -14.29 -24.74
N ALA A 324 -22.08 -14.32 -25.86
CA ALA A 324 -21.58 -15.58 -26.39
C ALA A 324 -20.16 -15.84 -25.92
N LEU A 325 -19.78 -17.12 -25.93
CA LEU A 325 -18.46 -17.52 -25.46
C LEU A 325 -17.36 -17.10 -26.44
N ARG A 326 -16.20 -16.75 -25.89
CA ARG A 326 -15.06 -16.35 -26.70
C ARG A 326 -14.47 -17.54 -27.43
N GLU A 327 -13.72 -17.25 -28.49
CA GLU A 327 -13.17 -18.31 -29.34
C GLU A 327 -12.00 -19.00 -28.66
N ASN A 328 -12.14 -20.32 -28.50
CA ASN A 328 -11.10 -21.23 -27.99
C ASN A 328 -10.62 -20.84 -26.58
N TRP A 329 -11.52 -20.39 -25.73
CA TRP A 329 -11.18 -20.05 -24.36
C TRP A 329 -11.12 -21.28 -23.47
N LEU A 330 -12.15 -22.09 -23.46
CA LEU A 330 -12.05 -23.38 -22.80
C LEU A 330 -11.31 -24.37 -23.69
N PRO A 331 -10.82 -25.47 -23.11
CA PRO A 331 -10.15 -26.49 -23.93
C PRO A 331 -11.15 -27.24 -24.79
N GLU A 332 -10.82 -27.38 -26.07
CA GLU A 332 -11.67 -28.08 -27.01
C GLU A 332 -11.58 -29.58 -26.77
N ASP A 333 -12.75 -30.24 -26.71
CA ASP A 333 -12.78 -31.68 -26.45
C ASP A 333 -12.37 -32.46 -27.69
N LYS A 334 -12.02 -33.72 -27.48
CA LYS A 334 -11.62 -34.60 -28.57
C LYS A 334 -12.84 -35.08 -29.36
N TYR C 44 1.77 42.59 3.62
CA TYR C 44 2.80 42.60 2.59
C TYR C 44 3.95 41.67 2.96
N ASN C 45 4.26 41.61 4.25
CA ASN C 45 5.35 40.76 4.71
C ASN C 45 5.04 40.01 5.99
N THR C 46 3.79 39.90 6.41
CA THR C 46 3.45 39.17 7.63
C THR C 46 3.60 37.67 7.39
N PRO C 47 4.44 36.97 8.15
CA PRO C 47 4.70 35.56 7.85
C PRO C 47 3.60 34.66 8.40
N LYS C 48 2.80 34.12 7.48
CA LYS C 48 1.88 33.04 7.80
C LYS C 48 2.66 31.73 7.63
N TYR C 49 3.18 31.19 8.72
CA TYR C 49 4.11 30.08 8.68
C TYR C 49 3.36 28.78 8.44
N ARG C 50 3.94 27.91 7.62
CA ARG C 50 3.41 26.58 7.37
C ARG C 50 4.42 25.54 7.83
N MET C 51 3.89 24.49 8.45
CA MET C 51 4.68 23.35 8.90
C MET C 51 4.41 22.20 7.94
N ILE C 52 5.36 21.97 7.04
CA ILE C 52 5.25 20.91 6.04
C ILE C 52 5.79 19.62 6.65
N VAL C 53 5.06 18.53 6.43
CA VAL C 53 5.46 17.22 6.92
C VAL C 53 5.58 16.29 5.72
N ARG C 54 6.67 15.53 5.65
CA ARG C 54 6.90 14.56 4.59
C ARG C 54 7.42 13.27 5.21
N VAL C 55 6.98 12.14 4.65
CA VAL C 55 7.32 10.82 5.16
C VAL C 55 7.99 10.03 4.04
N THR C 56 9.27 9.74 4.21
CA THR C 56 10.00 8.90 3.26
C THR C 56 9.93 7.45 3.71
N ASN C 57 10.47 6.54 2.88
CA ASN C 57 10.44 5.13 3.22
C ASN C 57 11.48 4.76 4.28
N ARG C 58 12.45 5.64 4.56
CA ARG C 58 13.43 5.35 5.57
C ARG C 58 13.72 6.54 6.49
N ASP C 59 12.97 7.64 6.36
CA ASP C 59 13.15 8.81 7.19
C ASP C 59 11.87 9.63 7.19
N ILE C 60 11.85 10.67 8.02
CA ILE C 60 10.76 11.62 8.09
C ILE C 60 11.34 13.03 8.13
N ILE C 61 10.75 13.94 7.38
CA ILE C 61 11.24 15.31 7.28
C ILE C 61 10.14 16.26 7.74
N CYS C 62 10.50 17.21 8.60
CA CYS C 62 9.57 18.24 9.07
C CYS C 62 10.21 19.60 8.80
N GLN C 63 9.41 20.55 8.33
CA GLN C 63 9.91 21.89 8.09
C GLN C 63 8.87 22.91 8.55
N ILE C 64 9.36 24.08 8.95
CA ILE C 64 8.51 25.23 9.25
C ILE C 64 9.06 26.40 8.46
N ALA C 65 8.23 26.97 7.58
CA ALA C 65 8.72 27.95 6.63
C ALA C 65 7.67 29.02 6.35
N TYR C 66 8.17 30.20 5.98
CA TYR C 66 7.36 31.27 5.42
C TYR C 66 7.98 31.67 4.10
N ALA C 67 7.17 31.60 3.05
CA ALA C 67 7.67 31.78 1.69
C ALA C 67 7.93 33.26 1.40
N ARG C 68 8.89 33.50 0.52
CA ARG C 68 9.23 34.86 0.08
C ARG C 68 9.06 34.95 -1.43
N ILE C 69 9.40 36.12 -1.97
CA ILE C 69 9.32 36.34 -3.41
C ILE C 69 10.40 35.55 -4.13
N GLU C 70 11.60 35.47 -3.55
CA GLU C 70 12.72 34.77 -4.15
C GLU C 70 12.80 33.30 -3.76
N GLY C 71 11.67 32.70 -3.40
CA GLY C 71 11.66 31.32 -2.97
C GLY C 71 11.25 31.18 -1.51
N ASP C 72 10.93 29.96 -1.09
CA ASP C 72 10.53 29.74 0.28
C ASP C 72 11.75 29.71 1.19
N MET C 73 11.59 30.28 2.39
CA MET C 73 12.66 30.38 3.37
C MET C 73 12.36 29.44 4.52
N ILE C 74 13.11 28.34 4.60
CA ILE C 74 12.93 27.38 5.68
C ILE C 74 13.67 27.87 6.91
N VAL C 75 12.92 28.46 7.85
CA VAL C 75 13.49 28.95 9.09
C VAL C 75 13.96 27.83 10.00
N CYS C 76 13.24 26.71 10.08
CA CYS C 76 13.65 25.60 10.92
C CYS C 76 13.20 24.30 10.26
N ALA C 77 14.00 23.25 10.47
CA ALA C 77 13.71 21.96 9.86
C ALA C 77 14.37 20.87 10.68
N ALA C 78 13.85 19.65 10.53
CA ALA C 78 14.37 18.48 11.23
C ALA C 78 14.24 17.25 10.35
N TYR C 79 15.23 16.37 10.47
CA TYR C 79 15.22 15.09 9.79
C TYR C 79 15.23 14.00 10.86
N ALA C 80 14.65 12.85 10.53
CA ALA C 80 14.55 11.76 11.49
C ALA C 80 15.88 11.07 11.77
N HIS C 81 16.90 11.31 10.93
CA HIS C 81 18.23 10.80 11.21
C HIS C 81 18.86 11.46 12.42
N GLU C 82 18.43 12.67 12.77
CA GLU C 82 18.94 13.38 13.94
C GLU C 82 18.34 12.87 15.25
N LEU C 83 17.33 12.01 15.19
CA LEU C 83 16.78 11.41 16.41
C LEU C 83 17.76 10.51 17.15
N PRO C 84 18.79 9.96 16.50
CA PRO C 84 19.79 9.17 17.25
C PRO C 84 20.71 10.05 18.09
N LYS C 85 20.80 11.33 17.74
CA LYS C 85 21.59 12.30 18.50
C LYS C 85 20.93 12.70 19.81
N TYR C 86 19.65 12.39 19.99
CA TYR C 86 18.98 12.63 21.25
C TYR C 86 18.10 11.42 21.55
N GLY C 87 18.61 10.53 22.40
CA GLY C 87 17.85 9.37 22.82
C GLY C 87 17.95 8.15 21.92
N VAL C 88 16.85 7.80 21.27
CA VAL C 88 16.67 6.50 20.62
C VAL C 88 17.52 6.39 19.36
N LYS C 89 18.45 5.44 19.37
CA LYS C 89 19.26 5.12 18.20
C LYS C 89 18.65 4.02 17.34
N VAL C 90 17.46 3.54 17.66
CA VAL C 90 16.80 2.49 16.91
C VAL C 90 15.29 2.74 16.97
N GLY C 91 14.54 1.95 16.21
CA GLY C 91 13.10 2.11 16.15
C GLY C 91 12.64 3.37 15.45
N LEU C 92 13.28 3.74 14.35
CA LEU C 92 12.94 4.95 13.62
C LEU C 92 11.63 4.77 12.85
N THR C 93 11.09 5.90 12.37
CA THR C 93 9.88 6.04 11.58
C THR C 93 8.64 5.46 12.26
N ASN C 94 8.60 5.54 13.58
CA ASN C 94 7.44 5.15 14.37
C ASN C 94 6.55 6.37 14.58
N TYR C 95 5.37 6.14 15.14
CA TYR C 95 4.52 7.26 15.55
C TYR C 95 5.14 8.01 16.72
N ALA C 96 5.83 7.28 17.60
CA ALA C 96 6.62 7.91 18.65
C ALA C 96 7.77 8.71 18.07
N ALA C 97 8.35 8.23 16.96
CA ALA C 97 9.37 9.00 16.27
C ALA C 97 8.79 10.25 15.63
N ALA C 98 7.54 10.18 15.17
CA ALA C 98 6.87 11.37 14.65
C ALA C 98 6.61 12.39 15.74
N TYR C 99 6.20 11.93 16.93
CA TYR C 99 5.99 12.83 18.06
C TYR C 99 7.31 13.44 18.53
N CYS C 100 8.37 12.64 18.52
CA CYS C 100 9.70 13.13 18.87
C CYS C 100 10.22 14.15 17.87
N THR C 101 9.99 13.92 16.57
CA THR C 101 10.39 14.87 15.54
C THR C 101 9.59 16.16 15.65
N GLY C 102 8.30 16.05 15.96
CA GLY C 102 7.50 17.25 16.16
C GLY C 102 7.91 18.06 17.37
N LEU C 103 8.23 17.37 18.47
CA LEU C 103 8.73 18.05 19.67
C LEU C 103 10.08 18.70 19.44
N LEU C 104 10.96 18.02 18.71
CA LEU C 104 12.27 18.59 18.40
C LEU C 104 12.17 19.78 17.47
N LEU C 105 11.29 19.72 16.48
CA LEU C 105 11.08 20.85 15.58
C LEU C 105 10.45 22.03 16.30
N ALA C 106 9.50 21.76 17.20
CA ALA C 106 8.87 22.83 17.97
C ALA C 106 9.85 23.49 18.93
N ARG C 107 10.70 22.69 19.57
CA ARG C 107 11.70 23.25 20.48
C ARG C 107 12.78 24.01 19.73
N ARG C 108 13.17 23.54 18.55
CA ARG C 108 14.13 24.28 17.73
C ARG C 108 13.55 25.59 17.22
N LEU C 109 12.26 25.58 16.85
CA LEU C 109 11.61 26.81 16.42
C LEU C 109 11.44 27.80 17.57
N LEU C 110 11.18 27.28 18.78
CA LEU C 110 11.09 28.16 19.95
C LEU C 110 12.44 28.72 20.34
N ASN C 111 13.52 27.94 20.16
CA ASN C 111 14.86 28.43 20.44
C ASN C 111 15.30 29.47 19.40
N ARG C 112 14.92 29.25 18.14
CA ARG C 112 15.27 30.21 17.09
C ARG C 112 14.45 31.49 17.23
N PHE C 113 13.20 31.38 17.63
CA PHE C 113 12.37 32.56 17.84
C PHE C 113 12.68 33.25 19.17
N GLY C 114 13.43 32.61 20.05
CA GLY C 114 13.75 33.18 21.34
C GLY C 114 12.64 33.13 22.37
N MET C 115 11.56 32.40 22.08
CA MET C 115 10.43 32.25 23.00
C MET C 115 10.43 30.88 23.65
N ASP C 116 11.60 30.35 23.97
CA ASP C 116 11.70 29.03 24.60
C ASP C 116 11.33 29.04 26.08
N LYS C 117 11.65 30.14 26.79
CA LYS C 117 11.42 30.19 28.23
C LYS C 117 9.94 30.23 28.59
N ILE C 118 9.16 31.05 27.91
CA ILE C 118 7.71 31.00 28.03
C ILE C 118 7.20 29.93 27.08
N TYR C 119 5.94 29.51 27.31
CA TYR C 119 5.21 28.55 26.48
C TYR C 119 5.94 27.21 26.36
N GLU C 120 6.04 26.51 27.50
CA GLU C 120 6.75 25.24 27.54
C GLU C 120 5.98 24.10 26.89
N GLY C 121 4.69 24.28 26.63
CA GLY C 121 3.93 23.22 26.01
C GLY C 121 3.51 22.16 27.01
N GLN C 122 2.85 21.13 26.48
CA GLN C 122 2.37 20.02 27.30
C GLN C 122 3.57 19.16 27.69
N VAL C 123 4.07 19.38 28.90
CA VAL C 123 5.22 18.61 29.40
C VAL C 123 4.80 17.18 29.69
N GLU C 124 3.60 16.99 30.25
CA GLU C 124 3.11 15.66 30.56
C GLU C 124 2.65 14.96 29.29
N VAL C 125 2.93 13.66 29.20
CA VAL C 125 2.56 12.87 28.04
C VAL C 125 1.14 12.37 28.27
N THR C 126 0.16 13.20 27.92
CA THR C 126 -1.24 12.88 28.09
C THR C 126 -1.95 12.87 26.74
N GLY C 127 -2.91 11.96 26.61
CA GLY C 127 -3.63 11.82 25.36
C GLY C 127 -4.69 12.85 25.10
N ASP C 128 -4.97 13.73 26.05
CA ASP C 128 -5.97 14.76 25.82
C ASP C 128 -5.41 15.83 24.88
N GLU C 129 -6.31 16.41 24.08
CA GLU C 129 -5.91 17.47 23.16
C GLU C 129 -5.67 18.77 23.92
N TYR C 130 -4.47 19.33 23.77
CA TYR C 130 -4.09 20.54 24.49
C TYR C 130 -3.87 21.65 23.48
N ASN C 131 -4.55 22.78 23.71
CA ASN C 131 -4.39 23.96 22.88
C ASN C 131 -3.66 25.02 23.69
N VAL C 132 -2.62 25.59 23.11
CA VAL C 132 -1.79 26.55 23.83
C VAL C 132 -2.52 27.88 23.94
N GLU C 133 -2.57 28.42 25.15
CA GLU C 133 -3.13 29.74 25.41
C GLU C 133 -1.99 30.75 25.49
N SER C 134 -2.18 31.89 24.82
CA SER C 134 -1.15 32.92 24.75
C SER C 134 -0.97 33.59 26.10
N ILE C 135 0.28 33.89 26.45
CA ILE C 135 0.61 34.46 27.74
C ILE C 135 0.28 35.94 27.75
N ASP C 136 -0.50 36.37 28.74
CA ASP C 136 -0.79 37.79 28.92
C ASP C 136 0.46 38.53 29.37
N GLY C 137 0.71 39.68 28.76
CA GLY C 137 1.92 40.43 29.01
C GLY C 137 3.12 39.97 28.21
N GLN C 138 2.98 38.93 27.41
CA GLN C 138 4.04 38.37 26.59
C GLN C 138 3.58 38.23 25.15
N PRO C 139 4.44 37.73 24.26
CA PRO C 139 4.02 37.50 22.88
C PRO C 139 3.07 36.32 22.78
N GLY C 140 2.27 36.32 21.71
CA GLY C 140 1.31 35.25 21.51
C GLY C 140 1.96 34.00 20.97
N ALA C 141 1.13 32.96 20.82
CA ALA C 141 1.61 31.69 20.28
C ALA C 141 1.88 31.80 18.79
N PHE C 142 2.93 31.11 18.35
CA PHE C 142 3.33 31.13 16.95
C PHE C 142 2.36 30.30 16.13
N THR C 143 1.35 30.95 15.56
CA THR C 143 0.32 30.29 14.77
C THR C 143 0.90 29.82 13.45
N CYS C 144 0.45 28.66 12.99
CA CYS C 144 0.95 28.06 11.76
C CYS C 144 -0.12 27.18 11.14
N TYR C 145 0.05 26.89 9.86
CA TYR C 145 -0.81 25.95 9.15
C TYR C 145 -0.07 24.62 9.03
N LEU C 146 -0.82 23.56 8.73
CA LEU C 146 -0.28 22.22 8.63
C LEU C 146 -0.34 21.75 7.19
N ASP C 147 0.83 21.56 6.58
CA ASP C 147 0.94 21.13 5.19
C ASP C 147 1.24 19.63 5.17
N ALA C 148 0.19 18.83 5.04
CA ALA C 148 0.33 17.39 4.86
C ALA C 148 0.78 17.02 3.46
N GLY C 149 0.48 17.83 2.46
CA GLY C 149 0.84 17.49 1.10
C GLY C 149 -0.17 16.53 0.50
N LEU C 150 0.33 15.58 -0.28
CA LEU C 150 -0.52 14.63 -1.01
C LEU C 150 -0.79 13.36 -0.22
N ALA C 151 -0.59 13.39 1.10
CA ALA C 151 -0.86 12.23 1.92
C ALA C 151 -2.36 12.04 2.11
N ARG C 152 -2.77 10.80 2.38
CA ARG C 152 -4.17 10.48 2.62
C ARG C 152 -4.61 11.04 3.97
N THR C 153 -5.79 11.63 4.01
CA THR C 153 -6.30 12.24 5.24
C THR C 153 -7.12 11.22 6.04
N THR C 154 -6.41 10.19 6.50
CA THR C 154 -7.02 9.18 7.35
C THR C 154 -6.61 9.40 8.81
N THR C 155 -7.45 8.92 9.72
CA THR C 155 -7.15 9.04 11.14
C THR C 155 -6.12 7.99 11.54
N GLY C 156 -5.08 8.42 12.23
CA GLY C 156 -4.00 7.55 12.61
C GLY C 156 -2.76 7.61 11.74
N ASN C 157 -2.70 8.54 10.79
CA ASN C 157 -1.52 8.72 9.95
C ASN C 157 -0.41 9.36 10.75
N LYS C 158 0.84 9.10 10.32
CA LYS C 158 2.00 9.57 11.05
C LYS C 158 2.18 11.08 10.96
N VAL C 159 1.67 11.71 9.90
CA VAL C 159 1.75 13.17 9.76
C VAL C 159 0.89 13.85 10.81
N PHE C 160 -0.32 13.34 11.05
CA PHE C 160 -1.16 13.84 12.12
C PHE C 160 -0.57 13.56 13.49
N GLY C 161 0.16 12.45 13.65
CA GLY C 161 0.85 12.18 14.90
C GLY C 161 1.97 13.17 15.16
N ALA C 162 2.71 13.55 14.11
CA ALA C 162 3.72 14.58 14.25
C ALA C 162 3.10 15.94 14.52
N LEU C 163 1.93 16.21 13.94
CA LEU C 163 1.21 17.44 14.26
C LEU C 163 0.78 17.48 15.72
N LYS C 164 0.34 16.33 16.24
CA LYS C 164 -0.04 16.26 17.65
C LYS C 164 1.18 16.38 18.55
N GLY C 165 2.33 15.86 18.12
CA GLY C 165 3.56 16.07 18.87
C GLY C 165 4.00 17.52 18.87
N ALA C 166 3.80 18.21 17.76
CA ALA C 166 4.09 19.64 17.69
C ALA C 166 3.15 20.44 18.57
N VAL C 167 1.88 20.03 18.64
CA VAL C 167 0.92 20.67 19.52
C VAL C 167 1.28 20.43 20.99
N ASP C 168 1.78 19.24 21.30
CA ASP C 168 2.28 18.97 22.64
C ASP C 168 3.53 19.76 22.96
N GLY C 169 4.37 20.02 21.96
CA GLY C 169 5.54 20.85 22.17
C GLY C 169 5.21 22.31 22.38
N GLY C 170 4.09 22.77 21.84
CA GLY C 170 3.67 24.14 22.05
C GLY C 170 3.47 24.93 20.77
N LEU C 171 3.68 24.28 19.63
CA LEU C 171 3.46 24.92 18.34
C LEU C 171 1.98 25.09 18.08
N SER C 172 1.59 26.28 17.64
CA SER C 172 0.18 26.62 17.47
C SER C 172 -0.23 26.32 16.03
N ILE C 173 -1.09 25.32 15.87
CA ILE C 173 -1.73 25.01 14.60
C ILE C 173 -3.15 24.53 14.92
N PRO C 174 -4.17 24.97 14.18
CA PRO C 174 -5.53 24.52 14.47
C PRO C 174 -5.76 23.10 13.96
N HIS C 175 -6.13 22.22 14.87
CA HIS C 175 -6.38 20.83 14.53
C HIS C 175 -7.36 20.23 15.53
N SER C 176 -7.98 19.13 15.14
CA SER C 176 -8.96 18.45 15.97
C SER C 176 -8.44 17.07 16.37
N THR C 177 -9.17 16.44 17.28
CA THR C 177 -8.83 15.11 17.77
C THR C 177 -9.46 14.00 16.94
N LYS C 178 -10.17 14.35 15.87
CA LYS C 178 -10.79 13.34 15.02
C LYS C 178 -9.75 12.54 14.24
N ARG C 179 -8.72 13.20 13.72
CA ARG C 179 -7.65 12.53 13.01
C ARG C 179 -6.50 12.17 13.94
N PHE C 180 -6.81 11.50 15.04
CA PHE C 180 -5.82 11.08 16.01
C PHE C 180 -5.74 9.56 16.06
N PRO C 181 -4.82 9.00 16.85
CA PRO C 181 -4.71 7.54 16.92
C PRO C 181 -5.81 6.89 17.75
N GLY C 182 -6.31 7.56 18.78
CA GLY C 182 -7.30 6.94 19.66
C GLY C 182 -8.74 7.33 19.41
N TYR C 183 -9.01 8.08 18.35
CA TYR C 183 -10.38 8.50 18.06
C TYR C 183 -11.21 7.33 17.53
N ASP C 184 -12.50 7.36 17.82
CA ASP C 184 -13.43 6.33 17.35
C ASP C 184 -14.36 6.94 16.31
N SER C 185 -14.41 6.31 15.15
CA SER C 185 -15.26 6.77 14.06
C SER C 185 -16.75 6.47 14.29
N GLU C 186 -17.06 5.41 15.03
CA GLU C 186 -18.45 5.03 15.30
C GLU C 186 -18.98 5.61 16.60
N SER C 187 -18.11 5.89 17.57
CA SER C 187 -18.53 6.49 18.82
C SER C 187 -18.38 7.99 18.85
N LYS C 188 -17.71 8.58 17.84
CA LYS C 188 -17.45 10.03 17.71
C LYS C 188 -16.73 10.60 18.93
N GLU C 189 -15.81 9.82 19.49
CA GLU C 189 -15.07 10.20 20.68
C GLU C 189 -13.68 9.61 20.64
N PHE C 190 -12.79 10.18 21.45
CA PHE C 190 -11.43 9.70 21.58
C PHE C 190 -11.26 9.05 22.94
N ASN C 191 -10.84 7.79 22.95
CA ASN C 191 -10.58 7.09 24.20
C ASN C 191 -9.31 7.60 24.87
N ALA C 192 -8.28 7.91 24.06
CA ALA C 192 -7.06 8.65 24.39
C ALA C 192 -6.08 7.90 25.29
N GLU C 193 -6.46 6.72 25.78
CA GLU C 193 -5.48 5.87 26.45
C GLU C 193 -4.72 5.02 25.43
N VAL C 194 -5.43 4.56 24.39
CA VAL C 194 -4.78 3.89 23.28
C VAL C 194 -3.92 4.86 22.50
N HIS C 195 -4.38 6.11 22.38
CA HIS C 195 -3.59 7.16 21.75
C HIS C 195 -2.35 7.48 22.59
N ARG C 196 -2.48 7.43 23.92
CA ARG C 196 -1.33 7.58 24.80
C ARG C 196 -0.34 6.43 24.67
N LYS C 197 -0.83 5.20 24.55
CA LYS C 197 0.06 4.06 24.39
C LYS C 197 0.76 4.08 23.03
N HIS C 198 0.05 4.52 21.99
CA HIS C 198 0.67 4.67 20.68
C HIS C 198 1.67 5.81 20.67
N ILE C 199 1.39 6.89 21.42
CA ILE C 199 2.36 7.96 21.57
C ILE C 199 3.56 7.49 22.38
N MET C 200 3.33 6.64 23.38
CA MET C 200 4.41 6.07 24.15
C MET C 200 5.13 4.94 23.42
N GLY C 201 4.61 4.48 22.29
CA GLY C 201 5.20 3.36 21.60
C GLY C 201 4.93 2.02 22.23
N GLN C 202 3.89 1.91 23.05
CA GLN C 202 3.53 0.64 23.66
C GLN C 202 2.91 -0.32 22.66
N ASN C 203 2.40 0.19 21.55
CA ASN C 203 1.87 -0.68 20.49
C ASN C 203 2.97 -1.52 19.86
N VAL C 204 4.13 -0.92 19.61
CA VAL C 204 5.27 -1.66 19.08
C VAL C 204 5.80 -2.67 20.09
N ALA C 205 5.75 -2.31 21.38
CA ALA C 205 6.19 -3.23 22.43
C ALA C 205 5.27 -4.44 22.54
N ASP C 206 3.95 -4.20 22.46
CA ASP C 206 2.98 -5.29 22.43
C ASP C 206 3.10 -6.14 21.17
N TYR C 207 3.40 -5.52 20.02
CA TYR C 207 3.64 -6.28 18.79
C TYR C 207 4.88 -7.15 18.91
N MET C 208 5.94 -6.63 19.52
CA MET C 208 7.16 -7.39 19.73
C MET C 208 6.93 -8.55 20.70
N ARG C 209 6.12 -8.31 21.75
CA ARG C 209 5.78 -9.36 22.69
C ARG C 209 4.94 -10.46 22.03
N TYR C 210 3.98 -10.07 21.20
CA TYR C 210 3.14 -11.05 20.51
C TYR C 210 3.93 -11.82 19.46
N LEU C 211 4.89 -11.17 18.81
CA LEU C 211 5.73 -11.87 17.85
C LEU C 211 6.71 -12.81 18.54
N MET C 212 7.20 -12.44 19.73
CA MET C 212 8.06 -13.33 20.49
C MET C 212 7.29 -14.52 21.06
N GLU C 213 6.06 -14.30 21.50
CA GLU C 213 5.25 -15.38 22.06
C GLU C 213 4.50 -16.18 21.01
N GLU C 214 4.50 -15.73 19.75
CA GLU C 214 3.84 -16.46 18.68
C GLU C 214 4.81 -17.11 17.70
N ASP C 215 6.06 -16.65 17.64
CA ASP C 215 7.02 -17.20 16.71
C ASP C 215 8.43 -16.98 17.26
N GLU C 216 9.40 -17.58 16.58
CA GLU C 216 10.80 -17.42 16.95
C GLU C 216 11.61 -16.75 15.86
N ASP C 217 11.51 -17.24 14.62
CA ASP C 217 12.27 -16.64 13.53
C ASP C 217 11.65 -15.32 13.09
N ALA C 218 10.34 -15.17 13.26
CA ALA C 218 9.66 -13.94 12.82
C ALA C 218 9.97 -12.77 13.74
N TYR C 219 10.01 -13.01 15.06
CA TYR C 219 10.42 -11.95 15.99
C TYR C 219 11.89 -11.61 15.83
N LYS C 220 12.70 -12.60 15.47
CA LYS C 220 14.12 -12.34 15.23
C LYS C 220 14.35 -11.63 13.91
N LYS C 221 13.43 -11.78 12.95
CA LYS C 221 13.63 -11.18 11.64
C LYS C 221 13.06 -9.77 11.59
N GLN C 222 11.86 -9.57 12.15
CA GLN C 222 11.21 -8.26 12.08
C GLN C 222 11.90 -7.26 13.00
N PHE C 223 12.04 -7.60 14.27
CA PHE C 223 12.78 -6.76 15.21
C PHE C 223 14.22 -7.25 15.31
N SER C 224 14.90 -7.25 14.16
CA SER C 224 16.26 -7.77 14.10
C SER C 224 17.25 -6.79 14.72
N GLN C 225 17.28 -5.56 14.24
CA GLN C 225 18.15 -4.55 14.83
C GLN C 225 17.58 -3.95 16.10
N TYR C 226 16.33 -4.23 16.43
CA TYR C 226 15.80 -3.94 17.75
C TYR C 226 16.28 -4.96 18.78
N ILE C 227 16.48 -6.21 18.35
CA ILE C 227 17.15 -7.19 19.21
C ILE C 227 18.61 -6.80 19.39
N LYS C 228 19.22 -6.22 18.36
CA LYS C 228 20.53 -5.59 18.50
C LYS C 228 20.42 -4.36 19.39
N ASN C 229 21.49 -4.12 20.16
CA ASN C 229 21.65 -2.99 21.09
C ASN C 229 20.62 -2.97 22.22
N SER C 230 19.97 -4.11 22.47
CA SER C 230 19.19 -4.39 23.68
C SER C 230 18.01 -3.44 23.88
N VAL C 231 17.11 -3.42 22.90
CA VAL C 231 15.83 -2.73 23.05
C VAL C 231 14.81 -3.78 23.48
N THR C 232 14.57 -3.87 24.78
CA THR C 232 13.67 -4.87 25.33
C THR C 232 12.22 -4.46 25.09
N PRO C 233 11.29 -5.41 25.22
CA PRO C 233 9.86 -5.05 25.19
C PRO C 233 9.44 -4.13 26.33
N ASP C 234 10.08 -4.25 27.49
CA ASP C 234 9.88 -3.29 28.56
C ASP C 234 10.75 -2.05 28.30
N MET C 235 10.50 -1.00 29.08
CA MET C 235 11.22 0.28 29.11
C MET C 235 11.15 1.07 27.79
N MET C 236 10.26 0.71 26.86
CA MET C 236 10.09 1.50 25.66
C MET C 236 9.42 2.84 25.96
N GLU C 237 8.43 2.83 26.86
CA GLU C 237 7.83 4.08 27.31
C GLU C 237 8.81 4.90 28.14
N GLU C 238 9.66 4.23 28.93
CA GLU C 238 10.69 4.92 29.68
C GLU C 238 11.74 5.54 28.76
N MET C 239 12.14 4.83 27.72
CA MET C 239 13.07 5.38 26.73
C MET C 239 12.46 6.54 25.96
N TYR C 240 11.17 6.45 25.64
CA TYR C 240 10.48 7.54 24.96
C TYR C 240 10.35 8.77 25.86
N LYS C 241 10.07 8.56 27.16
CA LYS C 241 9.98 9.68 28.10
C LYS C 241 11.34 10.33 28.32
N LYS C 242 12.41 9.51 28.40
CA LYS C 242 13.75 10.04 28.51
C LYS C 242 14.18 10.81 27.26
N ALA C 243 13.79 10.32 26.08
CA ALA C 243 14.09 11.03 24.84
C ALA C 243 13.32 12.34 24.74
N HIS C 244 12.06 12.34 25.19
CA HIS C 244 11.28 13.57 25.21
C HIS C 244 11.85 14.59 26.20
N ALA C 245 12.31 14.12 27.36
CA ALA C 245 12.93 15.01 28.33
C ALA C 245 14.26 15.55 27.82
N ALA C 246 15.03 14.74 27.10
CA ALA C 246 16.28 15.20 26.52
C ALA C 246 16.05 16.18 25.37
N ILE C 247 14.98 15.97 24.59
CA ILE C 247 14.63 16.91 23.53
C ILE C 247 14.17 18.24 24.12
N ARG C 248 13.45 18.18 25.24
CA ARG C 248 13.07 19.39 25.95
C ARG C 248 14.28 20.06 26.61
N GLU C 249 15.31 19.28 26.93
CA GLU C 249 16.48 19.84 27.60
C GLU C 249 17.39 20.59 26.64
N ASN C 250 17.90 19.91 25.62
CA ASN C 250 18.90 20.48 24.73
C ASN C 250 18.36 20.48 23.31
N PRO C 251 17.78 21.60 22.87
CA PRO C 251 17.18 21.66 21.52
C PRO C 251 18.04 22.27 20.43
N VAL C 252 19.32 22.55 20.70
CA VAL C 252 20.15 23.25 19.72
C VAL C 252 20.64 22.28 18.68
N TYR C 253 20.10 22.38 17.46
CA TYR C 253 20.55 21.58 16.34
C TYR C 253 21.90 22.08 15.87
N GLU C 254 22.84 21.14 15.69
CA GLU C 254 24.20 21.48 15.33
C GLU C 254 24.65 20.64 14.15
N LYS C 255 25.69 21.09 13.45
CA LYS C 255 26.24 20.39 12.31
C LYS C 255 27.71 20.06 12.59
N LYS C 256 28.14 18.92 12.08
CA LYS C 256 29.51 18.46 12.28
C LYS C 256 30.40 19.02 11.18
N PRO C 257 31.47 19.75 11.53
CA PRO C 257 32.32 20.34 10.51
C PRO C 257 33.27 19.33 9.89
N LYS C 258 33.34 19.36 8.55
CA LYS C 258 34.24 18.51 7.79
C LYS C 258 34.51 19.23 6.47
N LYS C 259 35.68 19.85 6.36
CA LYS C 259 36.00 20.68 5.20
C LYS C 259 37.17 20.12 4.41
N GLU C 260 37.38 18.80 4.48
CA GLU C 260 38.40 18.13 3.67
C GLU C 260 37.80 17.55 2.40
N VAL C 261 37.17 18.41 1.60
CA VAL C 261 36.45 18.00 0.40
C VAL C 261 37.13 18.59 -0.82
N LYS C 262 37.43 17.74 -1.79
CA LYS C 262 37.95 18.20 -3.07
C LYS C 262 36.81 18.39 -4.07
N LYS C 263 37.16 18.88 -5.26
CA LYS C 263 36.19 19.13 -6.31
C LYS C 263 36.43 18.27 -7.54
N LYS C 264 36.74 16.98 -7.35
CA LYS C 264 36.94 16.08 -8.47
C LYS C 264 35.61 15.74 -9.14
N ARG C 265 35.61 15.71 -10.47
CA ARG C 265 34.38 15.46 -11.21
C ARG C 265 34.05 13.98 -11.22
N TRP C 266 32.99 13.63 -10.49
CA TRP C 266 32.48 12.26 -10.47
C TRP C 266 31.22 12.08 -11.31
N ASN C 267 30.87 13.06 -12.13
CA ASN C 267 29.69 13.00 -12.98
C ASN C 267 30.08 13.27 -14.43
N ARG C 268 29.22 12.81 -15.35
CA ARG C 268 29.51 12.91 -16.78
C ARG C 268 29.13 14.30 -17.31
N PRO C 269 30.09 15.04 -17.84
CA PRO C 269 29.78 16.36 -18.41
C PRO C 269 29.41 16.26 -19.88
N LYS C 270 29.16 17.43 -20.47
CA LYS C 270 28.74 17.49 -21.86
C LYS C 270 29.93 17.38 -22.80
N MET C 271 29.74 16.64 -23.89
CA MET C 271 30.76 16.56 -24.93
C MET C 271 30.78 17.84 -25.75
N SER C 272 31.91 18.11 -26.38
CA SER C 272 32.07 19.31 -27.20
C SER C 272 31.33 19.19 -28.53
N GLN D 3 26.85 -15.29 -19.01
CA GLN D 3 27.77 -14.98 -17.93
C GLN D 3 27.06 -14.24 -16.79
N ASP D 4 27.54 -13.03 -16.48
CA ASP D 4 26.90 -12.23 -15.43
C ASP D 4 25.56 -11.68 -15.89
N GLN D 5 25.37 -11.53 -17.20
CA GLN D 5 24.10 -11.03 -17.74
C GLN D 5 23.01 -12.11 -17.74
N GLY D 6 23.38 -13.37 -17.47
CA GLY D 6 22.40 -14.43 -17.48
C GLY D 6 21.41 -14.35 -16.33
N GLU D 7 21.89 -14.54 -15.09
CA GLU D 7 21.03 -14.45 -13.90
C GLU D 7 21.61 -13.41 -12.96
N LYS D 8 21.32 -12.15 -13.23
CA LYS D 8 21.52 -11.07 -12.25
C LYS D 8 20.32 -10.16 -12.10
N GLU D 9 19.55 -9.91 -13.16
CA GLU D 9 18.32 -9.15 -13.06
C GLU D 9 17.19 -9.96 -12.45
N ASN D 10 17.32 -11.29 -12.40
CA ASN D 10 16.35 -12.26 -11.89
C ASN D 10 16.00 -11.99 -10.44
N PRO D 11 16.91 -11.42 -9.65
CA PRO D 11 16.51 -10.91 -8.32
C PRO D 11 15.48 -9.79 -8.40
N MET D 12 15.55 -8.92 -9.40
CA MET D 12 14.70 -7.75 -9.47
C MET D 12 13.80 -7.72 -10.70
N ARG D 13 13.87 -8.75 -11.54
CA ARG D 13 13.03 -8.76 -12.75
C ARG D 13 12.48 -10.15 -13.05
N GLU D 14 12.26 -10.97 -12.03
CA GLU D 14 11.68 -12.29 -12.24
C GLU D 14 10.20 -12.17 -12.58
N LEU D 15 9.69 -13.16 -13.30
CA LEU D 15 8.28 -13.21 -13.66
C LEU D 15 7.47 -13.56 -12.43
N ARG D 16 6.63 -12.64 -11.98
CA ARG D 16 5.77 -12.84 -10.82
C ARG D 16 4.32 -12.82 -11.25
N ILE D 17 3.45 -13.25 -10.34
CA ILE D 17 2.03 -13.37 -10.61
C ILE D 17 1.29 -12.29 -9.83
N ARG D 18 0.48 -11.52 -10.54
CA ARG D 18 -0.42 -10.54 -9.93
C ARG D 18 -1.74 -11.21 -9.58
N LYS D 19 -2.78 -10.41 -9.39
CA LYS D 19 -4.11 -10.92 -9.06
C LYS D 19 -4.67 -11.78 -10.20
N LEU D 20 -5.35 -12.86 -9.82
CA LEU D 20 -5.82 -13.85 -10.78
C LEU D 20 -7.27 -13.62 -11.19
N CYS D 21 -8.13 -13.20 -10.26
CA CYS D 21 -9.51 -12.76 -10.49
C CYS D 21 -10.36 -13.87 -11.11
N LEU D 22 -10.55 -14.93 -10.34
CA LEU D 22 -11.42 -16.02 -10.73
C LEU D 22 -12.88 -15.57 -10.74
N ASN D 23 -13.62 -15.99 -11.76
CA ASN D 23 -14.99 -15.55 -11.91
C ASN D 23 -15.81 -16.61 -12.64
N ILE D 24 -17.11 -16.60 -12.36
CA ILE D 24 -18.09 -17.43 -13.07
C ILE D 24 -19.29 -16.56 -13.39
N CYS D 25 -20.09 -17.00 -14.36
CA CYS D 25 -21.25 -16.24 -14.81
C CYS D 25 -22.48 -17.14 -14.68
N VAL D 26 -23.53 -16.61 -14.07
CA VAL D 26 -24.78 -17.33 -13.89
C VAL D 26 -25.80 -16.78 -14.88
N GLY D 27 -26.62 -17.70 -15.40
CA GLY D 27 -27.69 -17.30 -16.31
C GLY D 27 -28.88 -16.66 -15.64
N GLU D 28 -28.98 -16.76 -14.31
CA GLU D 28 -30.06 -16.15 -13.58
C GLU D 28 -29.54 -15.78 -12.19
N SER D 29 -30.46 -15.49 -11.28
CA SER D 29 -30.14 -15.16 -9.90
C SER D 29 -30.86 -16.14 -8.97
N GLY D 30 -30.76 -15.87 -7.68
CA GLY D 30 -31.54 -16.59 -6.69
C GLY D 30 -30.72 -17.67 -5.99
N ASP D 31 -31.33 -18.84 -5.80
CA ASP D 31 -30.68 -19.95 -5.10
C ASP D 31 -29.55 -20.53 -5.94
N ARG D 32 -29.65 -20.44 -7.26
CA ARG D 32 -28.54 -20.79 -8.13
C ARG D 32 -27.35 -19.84 -7.93
N LEU D 33 -27.62 -18.54 -7.87
CA LEU D 33 -26.58 -17.56 -7.59
C LEU D 33 -26.03 -17.69 -6.19
N THR D 34 -26.89 -18.04 -5.22
CA THR D 34 -26.44 -18.29 -3.86
C THR D 34 -25.53 -19.51 -3.78
N ARG D 35 -25.88 -20.59 -4.49
CA ARG D 35 -25.05 -21.78 -4.52
C ARG D 35 -23.74 -21.53 -5.25
N ALA D 36 -23.77 -20.71 -6.30
CA ALA D 36 -22.55 -20.33 -7.00
C ALA D 36 -21.62 -19.50 -6.12
N ALA D 37 -22.19 -18.57 -5.35
CA ALA D 37 -21.40 -17.79 -4.41
C ALA D 37 -20.85 -18.65 -3.28
N LYS D 38 -21.63 -19.65 -2.83
CA LYS D 38 -21.15 -20.58 -1.82
C LYS D 38 -20.00 -21.44 -2.36
N VAL D 39 -20.11 -21.87 -3.62
CA VAL D 39 -19.03 -22.63 -4.25
C VAL D 39 -17.79 -21.77 -4.45
N LEU D 40 -17.98 -20.49 -4.78
CA LEU D 40 -16.85 -19.57 -4.91
C LEU D 40 -16.17 -19.32 -3.57
N GLU D 41 -16.95 -19.22 -2.50
CA GLU D 41 -16.38 -19.05 -1.17
C GLU D 41 -15.66 -20.31 -0.71
N GLN D 42 -16.20 -21.48 -1.05
CA GLN D 42 -15.54 -22.73 -0.72
C GLN D 42 -14.28 -22.96 -1.54
N LEU D 43 -14.21 -22.45 -2.75
CA LEU D 43 -13.02 -22.65 -3.57
C LEU D 43 -11.92 -21.63 -3.24
N THR D 44 -12.29 -20.35 -3.10
CA THR D 44 -11.30 -19.31 -2.91
C THR D 44 -10.98 -19.04 -1.44
N GLY D 45 -12.01 -19.01 -0.60
CA GLY D 45 -11.86 -18.65 0.79
C GLY D 45 -12.18 -17.21 1.10
N GLN D 46 -12.04 -16.31 0.12
CA GLN D 46 -12.43 -14.92 0.28
C GLN D 46 -13.92 -14.76 -0.03
N THR D 47 -14.50 -13.71 0.52
CA THR D 47 -15.89 -13.39 0.21
C THR D 47 -15.98 -12.89 -1.23
N PRO D 48 -16.82 -13.52 -2.06
CA PRO D 48 -16.86 -13.12 -3.48
C PRO D 48 -17.63 -11.83 -3.70
N VAL D 49 -17.60 -11.32 -4.94
CA VAL D 49 -18.26 -10.07 -5.29
C VAL D 49 -19.26 -10.34 -6.39
N PHE D 50 -20.51 -9.93 -6.16
CA PHE D 50 -21.53 -10.02 -7.19
C PHE D 50 -21.25 -9.02 -8.30
N SER D 51 -21.67 -9.36 -9.51
CA SER D 51 -21.35 -8.56 -10.68
C SER D 51 -22.61 -8.37 -11.51
N LYS D 52 -22.94 -7.12 -11.79
CA LYS D 52 -24.18 -6.73 -12.42
C LYS D 52 -24.02 -6.62 -13.94
N ALA D 53 -25.16 -6.63 -14.63
CA ALA D 53 -25.16 -6.56 -16.08
C ALA D 53 -25.02 -5.14 -16.55
N ARG D 54 -24.13 -4.94 -17.52
CA ARG D 54 -23.91 -3.63 -18.14
C ARG D 54 -25.10 -3.17 -18.96
N TYR D 55 -25.64 -4.03 -19.82
CA TYR D 55 -26.77 -3.69 -20.65
C TYR D 55 -27.75 -4.84 -20.71
N THR D 56 -29.02 -4.52 -20.90
CA THR D 56 -30.03 -5.55 -21.14
C THR D 56 -29.90 -6.06 -22.57
N VAL D 57 -29.42 -7.29 -22.71
CA VAL D 57 -29.16 -7.85 -24.02
C VAL D 57 -30.33 -8.65 -24.57
N ARG D 58 -30.98 -9.48 -23.74
CA ARG D 58 -32.18 -10.27 -24.03
C ARG D 58 -32.00 -11.28 -25.16
N SER D 59 -30.76 -11.68 -25.47
CA SER D 59 -30.56 -12.74 -26.44
C SER D 59 -30.94 -14.09 -25.85
N PHE D 60 -30.23 -14.50 -24.79
CA PHE D 60 -30.67 -15.61 -23.96
C PHE D 60 -31.65 -15.14 -22.88
N GLY D 61 -31.91 -13.84 -22.82
CA GLY D 61 -32.71 -13.26 -21.76
C GLY D 61 -31.82 -12.56 -20.75
N ILE D 62 -31.79 -11.24 -20.79
CA ILE D 62 -30.88 -10.46 -19.95
C ILE D 62 -31.46 -9.09 -19.69
N ARG D 63 -31.47 -8.70 -18.42
CA ARG D 63 -31.81 -7.36 -17.98
C ARG D 63 -30.58 -6.71 -17.37
N ARG D 64 -30.43 -5.41 -17.61
CA ARG D 64 -29.28 -4.68 -17.12
C ARG D 64 -29.33 -4.54 -15.60
N ASN D 65 -28.13 -4.57 -14.99
CA ASN D 65 -27.90 -4.38 -13.54
C ASN D 65 -28.67 -5.39 -12.68
N GLU D 66 -28.82 -6.62 -13.18
CA GLU D 66 -29.37 -7.68 -12.36
C GLU D 66 -28.26 -8.39 -11.61
N LYS D 67 -28.55 -9.52 -10.98
CA LYS D 67 -27.52 -10.35 -10.36
C LYS D 67 -27.10 -11.38 -11.39
N ILE D 68 -25.93 -11.15 -12.00
CA ILE D 68 -25.51 -11.89 -13.18
C ILE D 68 -24.33 -12.81 -12.90
N ALA D 69 -23.22 -12.27 -12.40
CA ALA D 69 -21.99 -13.04 -12.30
C ALA D 69 -21.39 -12.93 -10.90
N VAL D 70 -20.35 -13.70 -10.66
CA VAL D 70 -19.60 -13.65 -9.41
C VAL D 70 -18.11 -13.60 -9.75
N HIS D 71 -17.41 -12.60 -9.20
CA HIS D 71 -16.00 -12.42 -9.50
C HIS D 71 -15.26 -12.17 -8.19
N CYS D 72 -14.00 -12.57 -8.16
CA CYS D 72 -13.16 -12.34 -7.00
C CYS D 72 -11.71 -12.27 -7.46
N THR D 73 -10.88 -11.62 -6.65
CA THR D 73 -9.46 -11.45 -6.95
C THR D 73 -8.67 -12.27 -5.93
N VAL D 74 -7.80 -13.13 -6.43
CA VAL D 74 -6.97 -13.99 -5.60
C VAL D 74 -5.51 -13.60 -5.82
N ARG D 75 -4.78 -13.43 -4.72
CA ARG D 75 -3.37 -13.06 -4.76
C ARG D 75 -2.59 -13.97 -3.83
N GLY D 76 -1.29 -14.09 -4.09
CA GLY D 76 -0.43 -14.87 -3.22
C GLY D 76 -0.34 -16.32 -3.61
N ALA D 77 0.00 -17.18 -2.64
CA ALA D 77 0.24 -18.59 -2.93
C ALA D 77 -1.06 -19.34 -3.19
N LYS D 78 -2.18 -18.82 -2.67
CA LYS D 78 -3.48 -19.43 -2.95
C LYS D 78 -3.84 -19.29 -4.42
N ALA D 79 -3.55 -18.14 -5.01
CA ALA D 79 -3.77 -17.94 -6.44
C ALA D 79 -2.84 -18.83 -7.26
N GLU D 80 -1.61 -19.03 -6.78
CA GLU D 80 -0.66 -19.93 -7.44
C GLU D 80 -1.16 -21.38 -7.40
N GLU D 81 -1.72 -21.81 -6.26
CA GLU D 81 -2.24 -23.16 -6.14
C GLU D 81 -3.49 -23.34 -7.00
N ILE D 82 -4.34 -22.32 -7.08
CA ILE D 82 -5.52 -22.39 -7.94
C ILE D 82 -5.13 -22.43 -9.41
N LEU D 83 -4.10 -21.67 -9.80
CA LEU D 83 -3.60 -21.71 -11.16
C LEU D 83 -2.95 -23.05 -11.48
N GLU D 84 -2.27 -23.66 -10.51
CA GLU D 84 -1.70 -24.98 -10.70
C GLU D 84 -2.78 -26.04 -10.86
N LYS D 85 -3.86 -25.92 -10.07
CA LYS D 85 -4.99 -26.84 -10.20
C LYS D 85 -5.70 -26.66 -11.54
N GLY D 86 -5.79 -25.41 -12.01
CA GLY D 86 -6.38 -25.16 -13.32
C GLY D 86 -5.54 -25.69 -14.46
N LEU D 87 -4.21 -25.57 -14.34
CA LEU D 87 -3.32 -26.11 -15.36
C LEU D 87 -3.33 -27.63 -15.37
N LYS D 88 -3.46 -28.24 -14.18
CA LYS D 88 -3.64 -29.69 -14.11
C LYS D 88 -4.98 -30.13 -14.66
N VAL D 89 -6.02 -29.31 -14.49
CA VAL D 89 -7.31 -29.61 -15.10
C VAL D 89 -7.23 -29.46 -16.62
N ARG D 90 -6.46 -28.49 -17.09
CA ARG D 90 -6.21 -28.33 -18.51
C ARG D 90 -5.06 -29.22 -19.00
N GLU D 91 -4.47 -30.01 -18.09
CA GLU D 91 -3.39 -30.97 -18.37
C GLU D 91 -2.17 -30.28 -18.98
N TYR D 92 -1.89 -29.05 -18.51
CA TYR D 92 -0.79 -28.20 -18.96
C TYR D 92 -0.84 -27.97 -20.48
N GLU D 93 -2.03 -27.70 -21.00
CA GLU D 93 -2.24 -27.54 -22.44
C GLU D 93 -2.96 -26.21 -22.68
N LEU D 94 -2.18 -25.17 -22.95
CA LEU D 94 -2.70 -23.86 -23.33
C LEU D 94 -2.01 -23.46 -24.64
N ARG D 95 -2.69 -23.70 -25.76
CA ARG D 95 -1.98 -23.88 -27.02
C ARG D 95 -1.61 -22.55 -27.69
N LYS D 96 -2.60 -21.80 -28.17
CA LYS D 96 -2.28 -20.75 -29.11
C LYS D 96 -2.63 -19.35 -28.62
N ASN D 97 -3.89 -19.10 -28.30
CA ASN D 97 -4.37 -17.75 -28.04
C ASN D 97 -4.50 -17.52 -26.54
N ASN D 98 -3.97 -18.45 -25.75
CA ASN D 98 -4.00 -18.30 -24.30
C ASN D 98 -3.08 -17.19 -23.82
N PHE D 99 -1.84 -17.15 -24.31
CA PHE D 99 -0.95 -16.06 -23.96
C PHE D 99 -1.24 -14.84 -24.84
N SER D 100 -1.35 -13.68 -24.20
CA SER D 100 -1.62 -12.43 -24.89
C SER D 100 -0.31 -11.70 -25.17
N ASP D 101 -0.39 -10.64 -25.98
CA ASP D 101 0.78 -9.82 -26.26
C ASP D 101 1.21 -8.99 -25.06
N THR D 102 0.26 -8.53 -24.24
CA THR D 102 0.55 -7.74 -23.06
C THR D 102 0.99 -8.58 -21.88
N GLY D 103 0.86 -9.90 -21.96
CA GLY D 103 1.29 -10.77 -20.89
C GLY D 103 0.18 -11.30 -20.01
N ASN D 104 -0.95 -11.68 -20.57
CA ASN D 104 -2.03 -12.30 -19.82
C ASN D 104 -2.25 -13.73 -20.31
N PHE D 105 -2.61 -14.61 -19.39
CA PHE D 105 -2.95 -15.98 -19.72
C PHE D 105 -4.31 -16.28 -19.13
N GLY D 106 -4.87 -17.43 -19.48
CA GLY D 106 -6.12 -17.83 -18.87
C GLY D 106 -6.87 -18.80 -19.76
N PHE D 107 -7.91 -19.39 -19.17
CA PHE D 107 -8.77 -20.34 -19.86
C PHE D 107 -10.09 -20.40 -19.11
N GLY D 108 -10.92 -21.37 -19.49
CA GLY D 108 -12.17 -21.62 -18.80
C GLY D 108 -12.34 -23.09 -18.47
N ILE D 109 -12.74 -23.34 -17.23
CA ILE D 109 -12.99 -24.69 -16.74
C ILE D 109 -14.49 -24.94 -16.83
N GLN D 110 -14.86 -26.02 -17.52
CA GLN D 110 -16.25 -26.32 -17.83
C GLN D 110 -17.08 -26.72 -16.62
N GLU D 111 -16.47 -27.34 -15.61
CA GLU D 111 -17.24 -27.85 -14.48
C GLU D 111 -16.46 -27.67 -13.19
N HIS D 112 -17.12 -27.10 -12.18
CA HIS D 112 -16.52 -27.02 -10.85
C HIS D 112 -16.58 -28.35 -10.10
N ILE D 113 -17.36 -29.31 -10.61
CA ILE D 113 -17.42 -30.65 -10.02
C ILE D 113 -16.10 -31.41 -10.13
N ASP D 114 -15.42 -31.32 -11.28
CA ASP D 114 -14.13 -31.97 -11.43
C ASP D 114 -13.06 -31.24 -10.62
N LEU D 115 -13.05 -29.91 -10.70
CA LEU D 115 -12.13 -29.10 -9.92
C LEU D 115 -12.88 -27.83 -9.53
N GLY D 116 -13.16 -27.67 -8.24
CA GLY D 116 -12.63 -28.41 -7.11
C GLY D 116 -13.48 -29.55 -6.61
N ILE D 117 -14.27 -29.27 -5.57
CA ILE D 117 -15.02 -30.24 -4.78
C ILE D 117 -16.01 -31.05 -5.63
N LYS D 118 -16.38 -32.23 -5.13
CA LYS D 118 -17.16 -33.20 -5.89
C LYS D 118 -18.60 -32.72 -6.09
N TYR D 119 -19.25 -33.33 -7.08
CA TYR D 119 -20.62 -32.95 -7.43
C TYR D 119 -21.61 -33.39 -6.37
N ASP D 120 -22.67 -32.60 -6.22
CA ASP D 120 -23.79 -32.92 -5.37
C ASP D 120 -25.02 -32.72 -6.23
N PRO D 121 -26.11 -33.46 -5.99
CA PRO D 121 -27.34 -33.22 -6.76
C PRO D 121 -27.98 -31.88 -6.45
N SER D 122 -27.90 -31.40 -5.22
CA SER D 122 -28.41 -30.08 -4.89
C SER D 122 -27.53 -28.99 -5.46
N ILE D 123 -26.22 -29.20 -5.44
CA ILE D 123 -25.27 -28.22 -5.96
C ILE D 123 -25.27 -28.29 -7.48
N GLY D 124 -24.72 -27.26 -8.13
CA GLY D 124 -24.59 -27.23 -9.56
C GLY D 124 -23.25 -27.80 -10.03
N ILE D 125 -23.06 -27.76 -11.34
CA ILE D 125 -21.80 -28.20 -11.95
C ILE D 125 -21.28 -27.08 -12.84
N TYR D 126 -21.63 -25.84 -12.51
CA TYR D 126 -21.25 -24.70 -13.32
C TYR D 126 -19.75 -24.41 -13.15
N GLY D 127 -19.05 -24.31 -14.27
CA GLY D 127 -17.63 -24.07 -14.25
C GLY D 127 -17.29 -22.61 -14.02
N LEU D 128 -16.01 -22.31 -14.14
CA LEU D 128 -15.51 -20.96 -13.90
C LEU D 128 -14.48 -20.62 -14.96
N ASP D 129 -13.75 -19.53 -14.75
CA ASP D 129 -12.74 -19.09 -15.69
C ASP D 129 -11.59 -18.44 -14.94
N PHE D 130 -10.41 -18.53 -15.51
CA PHE D 130 -9.21 -17.90 -14.98
C PHE D 130 -8.61 -16.99 -16.03
N TYR D 131 -8.22 -15.79 -15.61
CA TYR D 131 -7.53 -14.83 -16.47
C TYR D 131 -6.47 -14.13 -15.64
N VAL D 132 -5.26 -14.69 -15.66
CA VAL D 132 -4.18 -14.28 -14.78
C VAL D 132 -3.27 -13.32 -15.54
N VAL D 133 -3.03 -12.16 -14.94
CA VAL D 133 -2.06 -11.19 -15.44
C VAL D 133 -0.77 -11.39 -14.66
N LEU D 134 0.34 -11.54 -15.38
CA LEU D 134 1.63 -11.74 -14.73
C LEU D 134 2.24 -10.40 -14.35
N GLY D 135 3.49 -10.41 -13.91
CA GLY D 135 4.14 -9.17 -13.54
C GLY D 135 5.60 -9.38 -13.26
N ARG D 136 6.27 -8.27 -12.97
CA ARG D 136 7.70 -8.27 -12.67
C ARG D 136 7.88 -7.60 -11.32
N PRO D 137 9.04 -7.76 -10.69
CA PRO D 137 9.26 -7.14 -9.37
C PRO D 137 9.42 -5.64 -9.50
N GLY D 138 8.40 -4.91 -9.08
CA GLY D 138 8.36 -3.46 -9.21
C GLY D 138 7.38 -2.94 -10.24
N PHE D 139 6.51 -3.79 -10.79
CA PHE D 139 5.60 -3.38 -11.86
C PHE D 139 4.43 -2.54 -11.36
N SER D 140 4.25 -2.40 -10.06
CA SER D 140 3.15 -1.62 -9.52
C SER D 140 3.54 -0.17 -9.24
N ILE D 141 4.64 0.32 -9.81
CA ILE D 141 5.08 1.69 -9.57
C ILE D 141 4.16 2.71 -10.22
N ALA D 142 3.41 2.32 -11.25
CA ALA D 142 2.53 3.24 -11.95
C ALA D 142 1.19 3.42 -11.25
N ASP D 143 0.88 2.60 -10.25
CA ASP D 143 -0.40 2.66 -9.57
C ASP D 143 -0.31 3.30 -8.19
N LYS D 144 0.80 3.92 -7.84
CA LYS D 144 0.96 4.52 -6.53
C LYS D 144 0.17 5.82 -6.42
N LYS D 145 0.01 6.29 -5.18
CA LYS D 145 -0.74 7.51 -4.93
C LYS D 145 0.04 8.74 -5.38
N ARG D 146 1.34 8.76 -5.12
CA ARG D 146 2.19 9.90 -5.45
C ARG D 146 3.24 9.49 -6.47
N ARG D 147 3.65 10.46 -7.30
CA ARG D 147 4.73 10.33 -8.29
C ARG D 147 4.46 9.23 -9.31
N THR D 148 3.38 9.39 -10.06
CA THR D 148 3.03 8.43 -11.10
C THR D 148 3.98 8.57 -12.30
N GLY D 149 4.39 7.43 -12.84
CA GLY D 149 5.27 7.43 -14.00
C GLY D 149 5.08 6.15 -14.79
N CYS D 150 5.75 6.10 -15.95
CA CYS D 150 5.68 4.93 -16.81
C CYS D 150 6.56 3.82 -16.26
N ILE D 151 6.25 2.58 -16.66
CA ILE D 151 6.98 1.42 -16.19
C ILE D 151 8.14 1.03 -17.09
N GLY D 152 8.16 1.49 -18.33
CA GLY D 152 9.22 1.18 -19.25
C GLY D 152 8.92 -0.05 -20.10
N ALA D 153 9.36 0.02 -21.36
CA ALA D 153 9.12 -1.08 -22.30
C ALA D 153 10.07 -2.24 -22.04
N LYS D 154 11.30 -1.94 -21.63
CA LYS D 154 12.31 -2.96 -21.40
C LYS D 154 12.04 -3.81 -20.16
N HIS D 155 11.25 -3.31 -19.21
CA HIS D 155 10.86 -4.07 -18.04
C HIS D 155 9.51 -4.74 -18.18
N ARG D 156 8.80 -4.50 -19.28
CA ARG D 156 7.51 -5.14 -19.51
C ARG D 156 7.70 -6.60 -19.91
N ILE D 157 6.61 -7.35 -19.85
CA ILE D 157 6.61 -8.78 -20.16
C ILE D 157 6.23 -8.96 -21.63
N SER D 158 7.02 -9.74 -22.35
CA SER D 158 6.76 -10.04 -23.75
C SER D 158 5.96 -11.33 -23.88
N LYS D 159 5.29 -11.46 -25.04
CA LYS D 159 4.46 -12.64 -25.30
C LYS D 159 5.30 -13.89 -25.45
N GLU D 160 6.45 -13.79 -26.12
CA GLU D 160 7.39 -14.91 -26.18
C GLU D 160 8.00 -15.17 -24.82
N GLU D 161 8.28 -14.10 -24.06
CA GLU D 161 8.70 -14.23 -22.67
C GLU D 161 7.63 -14.85 -21.80
N ALA D 162 6.35 -14.53 -22.05
CA ALA D 162 5.26 -15.17 -21.31
C ALA D 162 5.15 -16.65 -21.67
N MET D 163 5.37 -17.00 -22.94
CA MET D 163 5.37 -18.39 -23.36
C MET D 163 6.51 -19.17 -22.71
N ARG D 164 7.69 -18.56 -22.65
CA ARG D 164 8.83 -19.18 -21.98
C ARG D 164 8.60 -19.30 -20.48
N TRP D 165 7.92 -18.31 -19.89
CA TRP D 165 7.60 -18.37 -18.46
C TRP D 165 6.58 -19.46 -18.15
N PHE D 166 5.62 -19.66 -19.06
CA PHE D 166 4.66 -20.75 -18.89
C PHE D 166 5.32 -22.11 -19.06
N GLN D 167 6.18 -22.24 -20.07
CA GLN D 167 6.89 -23.50 -20.31
C GLN D 167 7.95 -23.76 -19.27
N GLN D 168 8.33 -22.75 -18.49
CA GLN D 168 9.24 -22.99 -17.37
C GLN D 168 8.46 -23.30 -16.10
N LYS D 169 7.46 -22.50 -15.76
CA LYS D 169 6.77 -22.62 -14.48
C LYS D 169 5.86 -23.84 -14.43
N TYR D 170 5.24 -24.21 -15.55
CA TYR D 170 4.30 -25.32 -15.56
C TYR D 170 4.79 -26.49 -16.39
N ASP D 171 5.92 -26.33 -17.11
CA ASP D 171 6.39 -27.24 -18.15
C ASP D 171 5.30 -27.55 -19.17
N GLY D 172 4.59 -26.49 -19.58
CA GLY D 172 3.35 -26.67 -20.31
C GLY D 172 3.55 -26.97 -21.79
N ILE D 173 2.43 -27.31 -22.43
CA ILE D 173 2.39 -27.61 -23.85
C ILE D 173 1.59 -26.52 -24.53
N ILE D 174 2.22 -25.84 -25.48
CA ILE D 174 1.57 -24.77 -26.23
C ILE D 174 1.71 -25.06 -27.71
N LEU D 175 1.12 -24.18 -28.53
CA LEU D 175 1.19 -24.13 -29.99
C LEU D 175 0.74 -25.42 -30.65
N PRO D 176 -0.56 -25.74 -30.61
CA PRO D 176 -1.05 -26.93 -31.32
C PRO D 176 -0.98 -26.78 -32.84
N GLY D 177 -1.22 -27.88 -33.55
CA GLY D 177 -1.12 -27.88 -35.00
C GLY D 177 -2.19 -27.07 -35.70
N LYS D 178 -3.31 -26.81 -35.04
CA LYS D 178 -4.37 -25.99 -35.62
C LYS D 178 -4.29 -24.55 -35.10
ZN ZN E . -20.33 -10.59 -29.16
#